data_4Z5S
#
_entry.id   4Z5S
#
_cell.length_a   68.519
_cell.length_b   88.027
_cell.length_c   36.251
_cell.angle_alpha   90.00
_cell.angle_beta   90.00
_cell.angle_gamma   90.00
#
_symmetry.space_group_name_H-M   'P 21 21 2'
#
loop_
_entity.id
_entity.type
_entity.pdbx_description
1 polymer 'Aldehyde decarbonylase'
2 water water
#
_entity_poly.entity_id   1
_entity_poly.type   'polypeptide(L)'
_entity_poly.pdbx_seq_one_letter_code
;MPELAVRTEFDYSSEIYKDAYSRINAIVIEGEQEAYSNYLQMAELLPEDKEELTRLAKMENRHKKGFQACGNNLQVNPDM
PYAQEFFAGLHGNFQHAFSEGKVVTCLLIQALIIEAFAIAAYNIYIPVADDFARKITEGVVKDEYTHLNYGEEWLKANFA
TAKEELEQANKENLPLVWKMLNQVQGDAKVLGMEKEALVEDFMISYGEALSNIGFSTREIMRMSSYGLAGV
;
_entity_poly.pdbx_strand_id   A
#
# COMPACT_ATOMS: atom_id res chain seq x y z
N VAL A 6 -4.24 -24.98 11.73
CA VAL A 6 -3.04 -24.88 12.57
C VAL A 6 -2.35 -23.53 12.29
N ARG A 7 -2.95 -22.74 11.40
CA ARG A 7 -2.33 -21.50 10.95
C ARG A 7 -2.56 -20.27 11.82
N THR A 8 -3.70 -20.21 12.49
CA THR A 8 -4.06 -19.04 13.30
C THR A 8 -4.60 -19.48 14.64
N GLU A 9 -4.42 -18.63 15.66
CA GLU A 9 -4.98 -18.92 16.98
C GLU A 9 -6.50 -18.80 17.01
N PHE A 10 -7.05 -17.90 16.20
CA PHE A 10 -8.50 -17.77 16.07
C PHE A 10 -8.98 -18.48 14.83
N ASP A 11 -9.99 -19.34 14.97
CA ASP A 11 -10.49 -20.09 13.84
C ASP A 11 -11.04 -19.15 12.76
N TYR A 12 -10.85 -19.50 11.49
CA TYR A 12 -11.37 -18.68 10.39
C TYR A 12 -12.88 -18.47 10.48
N SER A 13 -13.58 -19.39 11.13
CA SER A 13 -15.05 -19.32 11.21
C SER A 13 -15.52 -18.54 12.43
N SER A 14 -14.60 -18.18 13.32
CA SER A 14 -14.98 -17.47 14.54
C SER A 14 -15.46 -16.05 14.24
N GLU A 15 -16.38 -15.56 15.07
CA GLU A 15 -16.83 -14.19 14.97
C GLU A 15 -15.67 -13.22 15.23
N ILE A 16 -14.76 -13.58 16.13
CA ILE A 16 -13.58 -12.76 16.38
C ILE A 16 -12.74 -12.57 15.13
N TYR A 17 -12.49 -13.67 14.42
CA TYR A 17 -11.69 -13.61 13.19
C TYR A 17 -12.44 -12.83 12.11
N LYS A 18 -13.71 -13.16 11.91
CA LYS A 18 -14.50 -12.52 10.84
C LYS A 18 -14.63 -11.02 11.08
N ASP A 19 -14.78 -10.61 12.34
CA ASP A 19 -14.87 -9.21 12.69
C ASP A 19 -13.61 -8.44 12.34
N ALA A 20 -12.46 -8.97 12.76
CA ALA A 20 -11.18 -8.38 12.40
C ALA A 20 -11.02 -8.35 10.90
N TYR A 21 -11.36 -9.47 10.25
CA TYR A 21 -11.23 -9.56 8.81
C TYR A 21 -12.07 -8.53 8.08
N SER A 22 -13.24 -8.21 8.65
CA SER A 22 -14.12 -7.25 7.99
C SER A 22 -13.46 -5.90 7.81
N ARG A 23 -12.60 -5.51 8.75
CA ARG A 23 -11.92 -4.24 8.64
C ARG A 23 -10.63 -4.32 7.83
N ILE A 24 -9.85 -5.38 8.00
CA ILE A 24 -8.61 -5.52 7.24
C ILE A 24 -8.91 -5.75 5.76
N ASN A 25 -9.90 -6.59 5.47
CA ASN A 25 -10.33 -6.80 4.08
C ASN A 25 -10.83 -5.50 3.45
N ALA A 26 -11.60 -4.72 4.22
CA ALA A 26 -12.07 -3.44 3.72
C ALA A 26 -10.89 -2.51 3.40
N ILE A 27 -9.90 -2.48 4.27
CA ILE A 27 -8.71 -1.66 4.05
C ILE A 27 -8.01 -2.05 2.75
N VAL A 28 -7.82 -3.35 2.52
CA VAL A 28 -7.14 -3.74 1.29
C VAL A 28 -7.95 -3.41 0.04
N ILE A 29 -9.27 -3.62 0.10
CA ILE A 29 -10.16 -3.32 -1.02
C ILE A 29 -10.15 -1.82 -1.32
N GLU A 30 -10.29 -1.00 -0.28
CA GLU A 30 -10.28 0.45 -0.45
C GLU A 30 -8.93 0.95 -0.98
N GLY A 31 -7.84 0.37 -0.50
CA GLY A 31 -6.50 0.74 -0.95
C GLY A 31 -6.37 0.47 -2.43
N GLU A 32 -6.85 -0.69 -2.85
CA GLU A 32 -6.82 -1.03 -4.27
C GLU A 32 -7.73 -0.13 -5.13
N GLN A 33 -8.93 0.17 -4.63
CA GLN A 33 -9.83 1.12 -5.27
C GLN A 33 -9.16 2.48 -5.43
N GLU A 34 -8.52 2.95 -4.37
CA GLU A 34 -7.82 4.24 -4.44
C GLU A 34 -6.62 4.19 -5.39
N ALA A 35 -5.91 3.05 -5.43
CA ALA A 35 -4.80 2.91 -6.37
C ALA A 35 -5.26 3.05 -7.82
N TYR A 36 -6.37 2.39 -8.17
CA TYR A 36 -6.98 2.50 -9.48
C TYR A 36 -7.25 3.97 -9.83
N SER A 37 -7.94 4.68 -8.94
CA SER A 37 -8.30 6.06 -9.19
C SER A 37 -7.07 6.96 -9.21
N ASN A 38 -6.12 6.71 -8.31
CA ASN A 38 -4.89 7.49 -8.24
C ASN A 38 -4.03 7.37 -9.48
N TYR A 39 -3.86 6.15 -9.99
CA TYR A 39 -3.09 5.95 -11.22
C TYR A 39 -3.75 6.59 -12.43
N LEU A 40 -5.10 6.53 -12.51
CA LEU A 40 -5.78 7.20 -13.62
C LEU A 40 -5.57 8.71 -13.55
N GLN A 41 -5.59 9.26 -12.34
CA GLN A 41 -5.33 10.70 -12.16
C GLN A 41 -3.89 11.05 -12.47
N MET A 42 -2.96 10.16 -12.15
CA MET A 42 -1.54 10.38 -12.46
CA MET A 42 -1.57 10.49 -12.43
C MET A 42 -1.31 10.51 -13.94
N ALA A 43 -2.11 9.76 -14.71
CA ALA A 43 -2.04 9.83 -16.18
C ALA A 43 -2.44 11.21 -16.71
N GLU A 44 -3.22 11.97 -15.94
CA GLU A 44 -3.52 13.35 -16.32
C GLU A 44 -2.29 14.23 -16.20
N LEU A 45 -1.49 13.97 -15.16
CA LEU A 45 -0.30 14.77 -14.90
C LEU A 45 0.86 14.35 -15.81
N LEU A 46 0.86 13.08 -16.22
CA LEU A 46 1.92 12.52 -17.03
C LEU A 46 1.33 11.84 -18.26
N PRO A 47 0.73 12.64 -19.16
CA PRO A 47 0.03 12.04 -20.30
C PRO A 47 0.93 11.23 -21.21
N GLU A 48 2.23 11.54 -21.23
CA GLU A 48 3.17 10.80 -22.05
C GLU A 48 3.24 9.32 -21.62
N ASP A 49 2.87 9.06 -20.36
CA ASP A 49 2.92 7.70 -19.84
C ASP A 49 1.53 7.16 -19.55
N LYS A 50 0.54 7.68 -20.28
CA LYS A 50 -0.86 7.32 -20.02
C LYS A 50 -1.13 5.82 -20.15
N GLU A 51 -0.57 5.20 -21.18
CA GLU A 51 -0.84 3.78 -21.41
C GLU A 51 -0.34 2.94 -20.23
N GLU A 52 0.88 3.21 -19.79
CA GLU A 52 1.47 2.44 -18.69
C GLU A 52 0.71 2.67 -17.38
N LEU A 53 0.32 3.90 -17.13
CA LEU A 53 -0.37 4.23 -15.89
C LEU A 53 -1.79 3.67 -15.88
N THR A 54 -2.42 3.63 -17.05
CA THR A 54 -3.76 3.07 -17.17
C THR A 54 -3.68 1.57 -16.95
N ARG A 55 -2.64 0.93 -17.49
CA ARG A 55 -2.45 -0.50 -17.29
CA ARG A 55 -2.46 -0.51 -17.29
C ARG A 55 -2.32 -0.84 -15.81
N LEU A 56 -1.53 -0.04 -15.09
CA LEU A 56 -1.35 -0.23 -13.66
C LEU A 56 -2.68 -0.06 -12.92
N ALA A 57 -3.44 0.97 -13.31
CA ALA A 57 -4.74 1.22 -12.69
C ALA A 57 -5.63 0.00 -12.83
N LYS A 58 -5.70 -0.52 -14.05
CA LYS A 58 -6.55 -1.66 -14.36
C LYS A 58 -6.11 -2.90 -13.60
N MET A 59 -4.81 -3.08 -13.46
CA MET A 59 -4.31 -4.20 -12.67
C MET A 59 -4.75 -4.09 -11.21
N GLU A 60 -4.71 -2.89 -10.65
CA GLU A 60 -5.10 -2.76 -9.26
C GLU A 60 -6.60 -2.96 -9.10
N ASN A 61 -7.39 -2.58 -10.10
CA ASN A 61 -8.82 -2.87 -10.03
C ASN A 61 -9.10 -4.38 -10.05
N ARG A 62 -8.31 -5.11 -10.83
CA ARG A 62 -8.38 -6.57 -10.87
C ARG A 62 -8.05 -7.13 -9.49
N HIS A 63 -7.00 -6.59 -8.87
CA HIS A 63 -6.60 -7.03 -7.54
C HIS A 63 -7.71 -6.77 -6.51
N LYS A 64 -8.33 -5.59 -6.61
CA LYS A 64 -9.46 -5.25 -5.74
C LYS A 64 -10.53 -6.34 -5.76
N LYS A 65 -10.87 -6.80 -6.96
CA LYS A 65 -11.91 -7.81 -7.10
C LYS A 65 -11.50 -9.15 -6.48
N GLY A 66 -10.22 -9.49 -6.57
CA GLY A 66 -9.71 -10.68 -5.90
C GLY A 66 -9.86 -10.60 -4.40
N PHE A 67 -9.54 -9.44 -3.83
CA PHE A 67 -9.67 -9.28 -2.39
C PHE A 67 -11.14 -9.24 -1.96
N GLN A 68 -12.01 -8.70 -2.80
CA GLN A 68 -13.45 -8.81 -2.51
C GLN A 68 -13.86 -10.29 -2.43
N ALA A 69 -13.34 -11.13 -3.31
CA ALA A 69 -13.63 -12.55 -3.31
C ALA A 69 -13.15 -13.23 -2.02
N CYS A 70 -12.07 -12.71 -1.45
CA CYS A 70 -11.53 -13.26 -0.22
C CYS A 70 -12.50 -13.05 0.93
N GLY A 71 -13.09 -11.86 1.01
CA GLY A 71 -14.07 -11.57 2.05
C GLY A 71 -15.32 -12.42 1.86
N ASN A 72 -15.77 -12.56 0.61
CA ASN A 72 -16.94 -13.39 0.32
C ASN A 72 -16.75 -14.85 0.74
N ASN A 73 -15.56 -15.37 0.47
CA ASN A 73 -15.26 -16.75 0.81
C ASN A 73 -15.33 -17.00 2.31
N LEU A 74 -14.97 -16.00 3.10
CA LEU A 74 -15.00 -16.10 4.56
C LEU A 74 -16.34 -15.66 5.14
N GLN A 75 -17.30 -15.35 4.27
CA GLN A 75 -18.65 -14.95 4.65
C GLN A 75 -18.61 -13.68 5.50
N VAL A 76 -17.78 -12.73 5.06
CA VAL A 76 -17.52 -11.49 5.76
C VAL A 76 -17.97 -10.31 4.90
N ASN A 77 -18.71 -9.37 5.49
CA ASN A 77 -19.06 -8.13 4.83
C ASN A 77 -18.05 -7.04 5.21
N PRO A 78 -17.31 -6.49 4.24
CA PRO A 78 -16.26 -5.56 4.65
C PRO A 78 -16.80 -4.23 5.13
N ASP A 79 -16.12 -3.62 6.11
CA ASP A 79 -16.53 -2.33 6.65
C ASP A 79 -15.88 -1.21 5.85
N MET A 80 -16.48 -0.86 4.72
CA MET A 80 -15.86 0.12 3.83
C MET A 80 -15.74 1.52 4.44
N PRO A 81 -16.74 1.97 5.21
CA PRO A 81 -16.53 3.30 5.83
C PRO A 81 -15.31 3.36 6.75
N TYR A 82 -15.06 2.28 7.50
CA TYR A 82 -13.85 2.21 8.32
C TYR A 82 -12.60 2.38 7.49
N ALA A 83 -12.54 1.68 6.35
CA ALA A 83 -11.38 1.74 5.46
C ALA A 83 -11.20 3.14 4.87
N GLN A 84 -12.30 3.79 4.51
CA GLN A 84 -12.25 5.13 3.96
C GLN A 84 -11.68 6.11 4.99
N GLU A 85 -12.08 5.99 6.25
CA GLU A 85 -11.48 6.82 7.30
C GLU A 85 -10.01 6.49 7.50
N PHE A 86 -9.67 5.21 7.43
CA PHE A 86 -8.29 4.75 7.64
C PHE A 86 -7.34 5.43 6.65
N PHE A 87 -7.77 5.55 5.41
CA PHE A 87 -6.94 6.18 4.38
C PHE A 87 -7.10 7.68 4.23
N ALA A 88 -7.97 8.31 5.01
CA ALA A 88 -8.29 9.72 4.78
C ALA A 88 -7.08 10.66 4.75
N GLY A 89 -6.15 10.49 5.70
CA GLY A 89 -4.96 11.33 5.74
C GLY A 89 -4.11 11.26 4.48
N LEU A 90 -3.67 10.05 4.12
CA LEU A 90 -2.84 9.89 2.93
C LEU A 90 -3.62 10.23 1.66
N HIS A 91 -4.90 9.84 1.63
CA HIS A 91 -5.75 10.08 0.46
C HIS A 91 -5.91 11.58 0.26
N GLY A 92 -6.14 12.31 1.34
CA GLY A 92 -6.29 13.75 1.28
C GLY A 92 -5.00 14.41 0.81
N ASN A 93 -3.87 13.96 1.33
CA ASN A 93 -2.59 14.50 0.92
C ASN A 93 -2.33 14.23 -0.56
N PHE A 94 -2.68 13.03 -1.02
CA PHE A 94 -2.57 12.72 -2.43
C PHE A 94 -3.40 13.66 -3.30
N GLN A 95 -4.67 13.83 -2.96
CA GLN A 95 -5.56 14.68 -3.75
C GLN A 95 -5.11 16.12 -3.74
N HIS A 96 -4.59 16.61 -2.62
CA HIS A 96 -4.10 17.99 -2.54
CA HIS A 96 -4.14 18.00 -2.57
C HIS A 96 -2.89 18.18 -3.44
N ALA A 97 -1.97 17.22 -3.39
CA ALA A 97 -0.78 17.27 -4.24
C ALA A 97 -1.19 17.21 -5.71
N PHE A 98 -2.12 16.32 -6.03
CA PHE A 98 -2.62 16.21 -7.40
C PHE A 98 -3.18 17.55 -7.89
N SER A 99 -3.96 18.21 -7.04
CA SER A 99 -4.61 19.46 -7.45
C SER A 99 -3.61 20.58 -7.68
N GLU A 100 -2.41 20.44 -7.11
CA GLU A 100 -1.34 21.42 -7.29
C GLU A 100 -0.35 21.00 -8.37
N GLY A 101 -0.61 19.87 -9.03
CA GLY A 101 0.30 19.35 -10.04
C GLY A 101 1.62 18.79 -9.50
N LYS A 102 1.62 18.43 -8.21
CA LYS A 102 2.83 17.90 -7.57
C LYS A 102 2.96 16.39 -7.78
N VAL A 103 3.36 16.02 -9.00
CA VAL A 103 3.54 14.62 -9.41
C VAL A 103 4.48 13.86 -8.49
N VAL A 104 5.57 14.52 -8.09
CA VAL A 104 6.56 13.88 -7.23
C VAL A 104 5.94 13.42 -5.93
N THR A 105 5.18 14.30 -5.28
CA THR A 105 4.54 13.93 -4.03
C THR A 105 3.51 12.81 -4.23
N CYS A 106 2.73 12.91 -5.32
CA CYS A 106 1.74 11.89 -5.62
C CYS A 106 2.39 10.52 -5.81
N LEU A 107 3.50 10.49 -6.52
CA LEU A 107 4.22 9.25 -6.78
C LEU A 107 4.82 8.69 -5.49
N LEU A 108 5.38 9.56 -4.65
CA LEU A 108 5.96 9.07 -3.39
C LEU A 108 4.86 8.40 -2.57
N ILE A 109 3.71 9.06 -2.48
CA ILE A 109 2.61 8.50 -1.70
C ILE A 109 2.08 7.18 -2.27
N GLN A 110 1.79 7.14 -3.57
CA GLN A 110 1.19 5.94 -4.14
C GLN A 110 2.21 4.88 -4.52
N ALA A 111 3.22 5.25 -5.30
CA ALA A 111 4.14 4.26 -5.86
C ALA A 111 5.21 3.77 -4.88
N LEU A 112 5.50 4.56 -3.84
CA LEU A 112 6.51 4.16 -2.85
C LEU A 112 5.87 3.75 -1.52
N ILE A 113 5.23 4.70 -0.84
CA ILE A 113 4.68 4.43 0.48
C ILE A 113 3.59 3.35 0.47
N ILE A 114 2.53 3.56 -0.30
CA ILE A 114 1.41 2.61 -0.30
C ILE A 114 1.81 1.26 -0.86
N GLU A 115 2.56 1.27 -1.96
CA GLU A 115 3.06 0.05 -2.58
C GLU A 115 3.86 -0.78 -1.59
N ALA A 116 4.73 -0.11 -0.81
CA ALA A 116 5.54 -0.84 0.18
C ALA A 116 4.68 -1.38 1.33
N PHE A 117 3.71 -0.58 1.77
CA PHE A 117 2.80 -0.94 2.85
C PHE A 117 2.00 -2.16 2.39
N ALA A 118 1.49 -2.10 1.17
CA ALA A 118 0.67 -3.18 0.62
C ALA A 118 1.45 -4.49 0.51
N ILE A 119 2.63 -4.45 -0.11
CA ILE A 119 3.41 -5.66 -0.30
C ILE A 119 3.84 -6.24 1.04
N ALA A 120 4.13 -5.39 2.01
CA ALA A 120 4.41 -5.84 3.38
C ALA A 120 3.23 -6.63 3.93
N ALA A 121 2.05 -6.04 3.85
CA ALA A 121 0.83 -6.64 4.36
C ALA A 121 0.58 -7.99 3.69
N TYR A 122 0.71 -8.01 2.36
CA TYR A 122 0.40 -9.22 1.62
C TYR A 122 1.37 -10.33 1.97
N ASN A 123 2.65 -10.00 2.07
CA ASN A 123 3.63 -11.03 2.38
C ASN A 123 3.51 -11.59 3.79
N ILE A 124 3.09 -10.76 4.74
CA ILE A 124 2.89 -11.24 6.12
C ILE A 124 1.59 -12.02 6.23
N TYR A 125 0.59 -11.66 5.43
CA TYR A 125 -0.70 -12.36 5.42
C TYR A 125 -0.59 -13.75 4.79
N ILE A 126 0.16 -13.87 3.69
CA ILE A 126 0.24 -15.16 2.98
C ILE A 126 0.39 -16.42 3.87
N PRO A 127 1.37 -16.43 4.80
CA PRO A 127 1.56 -17.63 5.61
C PRO A 127 0.41 -17.97 6.56
N VAL A 128 -0.44 -16.99 6.88
CA VAL A 128 -1.53 -17.21 7.84
C VAL A 128 -2.90 -17.18 7.17
N ALA A 129 -2.93 -16.98 5.86
CA ALA A 129 -4.18 -16.89 5.11
C ALA A 129 -4.81 -18.26 4.88
N ASP A 130 -6.13 -18.28 4.85
CA ASP A 130 -6.85 -19.49 4.47
C ASP A 130 -6.47 -19.85 3.03
N ASP A 131 -6.71 -21.10 2.66
CA ASP A 131 -6.19 -21.59 1.37
C ASP A 131 -6.65 -20.76 0.16
N PHE A 132 -7.91 -20.35 0.15
CA PHE A 132 -8.45 -19.56 -0.95
C PHE A 132 -7.78 -18.20 -1.03
N ALA A 133 -7.75 -17.50 0.09
CA ALA A 133 -7.19 -16.15 0.12
C ALA A 133 -5.68 -16.18 -0.11
N ARG A 134 -5.03 -17.26 0.30
CA ARG A 134 -3.58 -17.39 0.08
C ARG A 134 -3.27 -17.38 -1.42
N LYS A 135 -4.06 -18.12 -2.20
CA LYS A 135 -3.83 -18.19 -3.63
CA LYS A 135 -3.90 -18.21 -3.65
C LYS A 135 -4.05 -16.83 -4.29
N ILE A 136 -5.13 -16.14 -3.90
CA ILE A 136 -5.39 -14.83 -4.45
C ILE A 136 -4.25 -13.86 -4.13
N THR A 137 -3.82 -13.86 -2.87
CA THR A 137 -2.81 -12.92 -2.44
C THR A 137 -1.47 -13.22 -3.09
N GLU A 138 -1.16 -14.50 -3.24
CA GLU A 138 0.06 -14.89 -3.95
C GLU A 138 0.04 -14.36 -5.39
N GLY A 139 -1.13 -14.41 -6.03
CA GLY A 139 -1.25 -13.90 -7.38
C GLY A 139 -1.04 -12.40 -7.47
N VAL A 140 -1.59 -11.67 -6.51
CA VAL A 140 -1.41 -10.22 -6.43
C VAL A 140 0.07 -9.88 -6.25
N VAL A 141 0.72 -10.53 -5.27
CA VAL A 141 2.15 -10.33 -5.05
C VAL A 141 2.98 -10.65 -6.29
N LYS A 142 2.66 -11.75 -6.98
CA LYS A 142 3.37 -12.13 -8.20
C LYS A 142 3.22 -11.02 -9.25
N ASP A 143 2.02 -10.45 -9.38
CA ASP A 143 1.78 -9.38 -10.34
C ASP A 143 2.64 -8.16 -10.05
N GLU A 144 2.73 -7.81 -8.77
CA GLU A 144 3.54 -6.66 -8.39
C GLU A 144 5.02 -6.92 -8.69
N TYR A 145 5.42 -8.19 -8.65
CA TYR A 145 6.81 -8.55 -8.95
C TYR A 145 7.12 -8.59 -10.45
N THR A 146 6.13 -8.96 -11.27
CA THR A 146 6.35 -9.07 -12.71
C THR A 146 6.04 -7.80 -13.49
N HIS A 147 5.63 -6.74 -12.79
CA HIS A 147 5.38 -5.46 -13.43
C HIS A 147 6.35 -4.42 -12.91
N LEU A 148 6.84 -3.57 -13.81
CA LEU A 148 7.71 -2.47 -13.45
C LEU A 148 6.99 -1.51 -12.52
N ASN A 149 7.67 -1.07 -11.45
CA ASN A 149 7.11 0.01 -10.63
C ASN A 149 7.39 1.32 -11.34
N TYR A 150 6.40 1.77 -12.09
CA TYR A 150 6.53 2.95 -12.92
C TYR A 150 6.95 4.18 -12.11
N GLY A 151 6.30 4.37 -10.97
CA GLY A 151 6.54 5.56 -10.18
C GLY A 151 7.95 5.62 -9.65
N GLU A 152 8.43 4.48 -9.18
CA GLU A 152 9.79 4.37 -8.70
C GLU A 152 10.77 4.70 -9.82
N GLU A 153 10.53 4.11 -10.99
CA GLU A 153 11.42 4.33 -12.12
C GLU A 153 11.41 5.76 -12.62
N TRP A 154 10.23 6.38 -12.59
CA TRP A 154 10.10 7.78 -12.99
C TRP A 154 10.87 8.67 -12.03
N LEU A 155 10.69 8.43 -10.73
CA LEU A 155 11.37 9.20 -9.72
C LEU A 155 12.89 9.03 -9.83
N LYS A 156 13.33 7.80 -10.11
CA LYS A 156 14.74 7.51 -10.31
C LYS A 156 15.31 8.30 -11.49
N ALA A 157 14.57 8.31 -12.59
CA ALA A 157 15.01 9.04 -13.80
C ALA A 157 15.07 10.54 -13.57
N ASN A 158 14.24 11.03 -12.66
CA ASN A 158 14.15 12.46 -12.40
C ASN A 158 14.64 12.86 -11.01
N PHE A 159 15.50 12.05 -10.41
CA PHE A 159 15.88 12.17 -9.00
C PHE A 159 16.41 13.53 -8.59
N ALA A 160 17.41 14.01 -9.32
CA ALA A 160 18.08 15.26 -8.97
C ALA A 160 17.09 16.41 -8.77
N THR A 161 16.13 16.55 -9.70
CA THR A 161 15.15 17.63 -9.57
C THR A 161 14.05 17.31 -8.56
N ALA A 162 13.79 16.02 -8.38
CA ALA A 162 12.71 15.58 -7.51
C ALA A 162 13.12 15.47 -6.04
N LYS A 163 14.42 15.39 -5.79
CA LYS A 163 14.94 15.04 -4.47
C LYS A 163 14.37 15.88 -3.31
N GLU A 164 14.39 17.20 -3.50
CA GLU A 164 13.94 18.12 -2.45
C GLU A 164 12.49 17.86 -2.09
N GLU A 165 11.64 17.75 -3.09
CA GLU A 165 10.22 17.51 -2.86
C GLU A 165 9.98 16.12 -2.26
N LEU A 166 10.77 15.13 -2.68
CA LEU A 166 10.65 13.79 -2.13
C LEU A 166 10.92 13.82 -0.64
N GLU A 167 11.95 14.55 -0.22
CA GLU A 167 12.27 14.66 1.19
C GLU A 167 11.13 15.32 1.96
N GLN A 168 10.53 16.34 1.36
CA GLN A 168 9.44 17.06 2.00
C GLN A 168 8.20 16.18 2.09
N ALA A 169 7.89 15.47 1.01
CA ALA A 169 6.71 14.59 0.97
C ALA A 169 6.87 13.43 1.93
N ASN A 170 8.09 12.93 2.09
CA ASN A 170 8.33 11.88 3.08
C ASN A 170 8.03 12.36 4.49
N LYS A 171 8.49 13.57 4.83
CA LYS A 171 8.28 14.08 6.19
C LYS A 171 6.79 14.25 6.49
N GLU A 172 6.03 14.66 5.48
CA GLU A 172 4.61 14.94 5.66
C GLU A 172 3.76 13.67 5.69
N ASN A 173 4.23 12.62 5.01
CA ASN A 173 3.39 11.45 4.83
C ASN A 173 3.81 10.18 5.57
N LEU A 174 5.10 9.99 5.78
CA LEU A 174 5.53 8.79 6.49
C LEU A 174 4.95 8.67 7.91
N PRO A 175 4.85 9.79 8.66
CA PRO A 175 4.22 9.64 9.99
C PRO A 175 2.80 9.10 9.94
N LEU A 176 2.08 9.30 8.82
CA LEU A 176 0.74 8.74 8.66
C LEU A 176 0.77 7.21 8.58
N VAL A 177 1.81 6.65 7.96
CA VAL A 177 2.01 5.20 7.96
C VAL A 177 2.12 4.59 9.35
N TRP A 178 2.90 5.23 10.23
CA TRP A 178 3.04 4.72 11.59
C TRP A 178 1.70 4.78 12.29
N LYS A 179 0.97 5.86 12.06
CA LYS A 179 -0.35 6.01 12.64
C LYS A 179 -1.26 4.88 12.17
N MET A 180 -1.22 4.61 10.87
CA MET A 180 -2.03 3.53 10.30
C MET A 180 -1.70 2.16 10.88
N LEU A 181 -0.41 1.87 11.00
CA LEU A 181 0.02 0.59 11.56
C LEU A 181 -0.44 0.42 13.00
N ASN A 182 -0.34 1.49 13.79
CA ASN A 182 -0.79 1.43 15.17
C ASN A 182 -2.30 1.19 15.25
N GLN A 183 -3.03 1.83 14.35
CA GLN A 183 -4.49 1.69 14.31
CA GLN A 183 -4.49 1.68 14.34
C GLN A 183 -4.89 0.25 13.96
N VAL A 184 -4.15 -0.33 13.02
CA VAL A 184 -4.47 -1.63 12.47
C VAL A 184 -3.99 -2.82 13.31
N GLN A 185 -3.12 -2.56 14.29
CA GLN A 185 -2.40 -3.62 14.99
C GLN A 185 -3.28 -4.71 15.61
N GLY A 186 -4.33 -4.31 16.31
CA GLY A 186 -5.20 -5.25 16.99
C GLY A 186 -5.87 -6.22 16.03
N ASP A 187 -6.50 -5.68 15.00
CA ASP A 187 -7.16 -6.52 14.00
C ASP A 187 -6.15 -7.40 13.26
N ALA A 188 -5.00 -6.83 12.95
CA ALA A 188 -3.97 -7.58 12.23
C ALA A 188 -3.51 -8.77 13.07
N LYS A 189 -3.38 -8.57 14.38
CA LYS A 189 -2.96 -9.65 15.28
C LYS A 189 -3.96 -10.81 15.30
N VAL A 190 -5.26 -10.48 15.26
CA VAL A 190 -6.28 -11.52 15.21
C VAL A 190 -6.10 -12.36 13.95
N LEU A 191 -5.64 -11.73 12.87
CA LEU A 191 -5.40 -12.46 11.61
C LEU A 191 -4.08 -13.23 11.60
N GLY A 192 -3.31 -13.09 12.68
CA GLY A 192 -2.01 -13.74 12.75
C GLY A 192 -0.88 -12.91 12.17
N MET A 193 -1.13 -11.62 11.95
CA MET A 193 -0.14 -10.72 11.34
C MET A 193 0.46 -9.81 12.40
N GLU A 194 1.75 -10.00 12.69
CA GLU A 194 2.41 -9.26 13.77
C GLU A 194 2.94 -7.89 13.34
N LYS A 195 2.78 -6.89 14.20
CA LYS A 195 3.15 -5.53 13.83
C LYS A 195 4.64 -5.42 13.51
N GLU A 196 5.47 -6.08 14.31
CA GLU A 196 6.91 -6.06 14.11
C GLU A 196 7.29 -6.54 12.71
N ALA A 197 6.66 -7.63 12.26
CA ALA A 197 6.90 -8.16 10.91
C ALA A 197 6.45 -7.18 9.82
N LEU A 198 5.31 -6.54 10.04
CA LEU A 198 4.80 -5.56 9.09
C LEU A 198 5.74 -4.36 8.97
N VAL A 199 6.19 -3.84 10.11
CA VAL A 199 7.12 -2.73 10.12
C VAL A 199 8.41 -3.10 9.39
N GLU A 200 8.94 -4.29 9.67
CA GLU A 200 10.17 -4.76 9.04
CA GLU A 200 10.19 -4.67 9.02
C GLU A 200 10.04 -4.87 7.52
N ASP A 201 8.98 -5.55 7.09
CA ASP A 201 8.74 -5.73 5.66
C ASP A 201 8.61 -4.36 5.00
N PHE A 202 7.90 -3.43 5.65
CA PHE A 202 7.70 -2.10 5.08
C PHE A 202 9.01 -1.32 4.96
N MET A 203 9.82 -1.37 6.01
CA MET A 203 11.06 -0.59 6.00
CA MET A 203 11.07 -0.62 6.03
C MET A 203 12.06 -1.12 4.99
N ILE A 204 12.11 -2.42 4.82
CA ILE A 204 12.99 -3.00 3.82
C ILE A 204 12.54 -2.62 2.42
N SER A 205 11.25 -2.77 2.14
CA SER A 205 10.71 -2.42 0.84
C SER A 205 10.87 -0.93 0.54
N TYR A 206 10.50 -0.08 1.50
CA TYR A 206 10.54 1.36 1.29
C TYR A 206 11.98 1.83 1.15
N GLY A 207 12.86 1.34 2.04
CA GLY A 207 14.28 1.66 2.00
C GLY A 207 14.95 1.24 0.70
N GLU A 208 14.65 0.04 0.22
CA GLU A 208 15.18 -0.42 -1.06
C GLU A 208 14.75 0.49 -2.21
N ALA A 209 13.48 0.92 -2.19
CA ALA A 209 12.97 1.83 -3.20
C ALA A 209 13.69 3.17 -3.16
N LEU A 210 13.87 3.71 -1.96
CA LEU A 210 14.57 4.98 -1.82
C LEU A 210 16.01 4.89 -2.31
N SER A 211 16.64 3.74 -2.05
CA SER A 211 18.01 3.50 -2.51
C SER A 211 18.07 3.44 -4.03
N ASN A 212 17.13 2.72 -4.63
CA ASN A 212 17.09 2.61 -6.08
C ASN A 212 16.91 3.96 -6.74
N ILE A 213 16.08 4.80 -6.12
CA ILE A 213 15.80 6.11 -6.66
C ILE A 213 17.03 7.03 -6.60
N GLY A 214 17.90 6.81 -5.61
CA GLY A 214 19.13 7.60 -5.53
C GLY A 214 19.54 8.12 -4.17
N PHE A 215 18.75 7.84 -3.13
CA PHE A 215 19.12 8.27 -1.78
C PHE A 215 20.24 7.41 -1.19
N SER A 216 21.07 8.03 -0.37
CA SER A 216 22.18 7.35 0.28
C SER A 216 21.73 6.58 1.52
N THR A 217 22.62 5.75 2.06
CA THR A 217 22.29 4.96 3.25
C THR A 217 21.92 5.88 4.42
N ARG A 218 22.66 6.97 4.58
CA ARG A 218 22.39 7.93 5.66
C ARG A 218 21.07 8.65 5.45
N GLU A 219 20.81 9.07 4.22
CA GLU A 219 19.53 9.70 3.89
C GLU A 219 18.35 8.76 4.18
N ILE A 220 18.48 7.48 3.82
CA ILE A 220 17.40 6.51 4.04
C ILE A 220 17.14 6.27 5.53
N MET A 221 18.21 6.23 6.33
CA MET A 221 18.08 6.13 7.78
C MET A 221 17.19 7.23 8.34
N ARG A 222 17.54 8.47 8.02
CA ARG A 222 16.79 9.64 8.45
C ARG A 222 15.35 9.60 7.94
N MET A 223 15.20 9.28 6.65
CA MET A 223 13.90 9.31 6.01
C MET A 223 12.96 8.21 6.49
N SER A 224 13.40 6.96 6.40
CA SER A 224 12.52 5.83 6.67
C SER A 224 12.14 5.72 8.15
N SER A 225 12.78 6.51 8.99
CA SER A 225 12.44 6.50 10.41
C SER A 225 11.86 7.84 10.86
N TYR A 226 11.34 8.61 9.90
CA TYR A 226 10.80 9.92 10.25
C TYR A 226 9.44 9.81 10.93
N GLY A 227 9.33 10.47 12.08
CA GLY A 227 8.08 10.52 12.81
C GLY A 227 7.82 9.28 13.65
N LEU A 228 8.70 8.29 13.56
CA LEU A 228 8.54 7.06 14.33
C LEU A 228 8.90 7.29 15.79
#